data_6AMX
#
_entry.id   6AMX
#
_cell.length_a   96.220
_cell.length_b   96.220
_cell.length_c   60.930
_cell.angle_alpha   90.000
_cell.angle_beta   90.000
_cell.angle_gamma   120.000
#
_symmetry.space_group_name_H-M   'P 31 2 1'
#
loop_
_entity.id
_entity.type
_entity.pdbx_description
1 polymer 'ABC transporter'
2 non-polymer 3,6,9,12,15,18,21,24-OCTAOXAHEXACOSAN-1-OL
3 water water
#
_entity_poly.entity_id   1
_entity_poly.type   'polypeptide(L)'
_entity_poly.pdbx_seq_one_letter_code
;IRVFDVWKKYKYYKKPQDRLKEIIFRKPFHEELWVLKGINLEIEKGEVLGIVGPNGAGKSTLLKVITGVTEPDKGFVERS
GKVVGLLELGTGFNYELSGLENIYVNASLLGLSRREIDEKLESIIEFSELDDFINKPLKTYSSGMIMRLAFSIAIHTEPE
CFIIDEALAVGDAHFQQKCFRKLKEHKQKGGSIIFVSHDMNAVKILCDRAILLHKGEIIEEGSPETVTQAYYKLKLHHHH
HH
;
_entity_poly.pdbx_strand_id   A
#
# COMPACT_ATOMS: atom_id res chain seq x y z
N ILE A 1 0.72 12.25 3.06
CA ILE A 1 1.33 13.26 3.93
C ILE A 1 0.40 13.63 5.06
N ARG A 2 -0.77 14.20 4.81
CA ARG A 2 -1.57 14.68 5.94
C ARG A 2 -2.98 14.11 5.90
N VAL A 3 -3.36 13.43 6.98
CA VAL A 3 -4.71 12.90 7.16
C VAL A 3 -5.37 13.68 8.29
N PHE A 4 -6.46 14.37 7.97
CA PHE A 4 -7.14 15.31 8.87
C PHE A 4 -8.53 14.79 9.24
N ASP A 5 -8.67 14.28 10.46
CA ASP A 5 -9.93 13.87 11.08
C ASP A 5 -10.83 13.09 10.11
N VAL A 6 -10.26 12.05 9.55
CA VAL A 6 -10.88 11.27 8.50
C VAL A 6 -11.81 10.23 9.11
N TRP A 7 -13.05 10.18 8.63
CA TRP A 7 -13.97 9.08 8.93
C TRP A 7 -14.37 8.41 7.63
N LYS A 8 -14.52 7.07 7.67
CA LYS A 8 -14.96 6.33 6.50
C LYS A 8 -15.95 5.26 6.94
N LYS A 9 -17.07 5.17 6.23
CA LYS A 9 -18.06 4.16 6.54
C LYS A 9 -18.37 3.35 5.29
N TYR A 10 -18.99 2.18 5.52
CA TYR A 10 -19.48 1.31 4.46
C TYR A 10 -20.87 0.81 4.85
N LYS A 11 -21.73 0.65 3.85
CA LYS A 11 -23.03 0.05 4.08
C LYS A 11 -22.89 -1.44 4.32
N TYR A 12 -23.64 -1.96 5.30
CA TYR A 12 -23.47 -3.33 5.79
C TYR A 12 -24.83 -4.00 5.88
N TYR A 13 -24.99 -5.16 5.22
CA TYR A 13 -26.27 -5.87 5.16
C TYR A 13 -26.20 -7.14 5.99
N LYS A 14 -27.20 -7.33 6.85
CA LYS A 14 -27.21 -8.51 7.72
C LYS A 14 -27.36 -9.80 6.91
N LYS A 15 -28.12 -9.75 5.83
CA LYS A 15 -28.23 -10.86 4.90
C LYS A 15 -28.34 -10.29 3.49
N PRO A 16 -27.84 -11.01 2.46
CA PRO A 16 -27.83 -10.48 1.09
C PRO A 16 -29.15 -9.92 0.55
N GLN A 17 -30.28 -10.32 1.13
CA GLN A 17 -31.57 -9.92 0.60
C GLN A 17 -31.97 -8.52 1.04
N ASP A 18 -31.52 -8.07 2.22
CA ASP A 18 -31.72 -6.67 2.59
C ASP A 18 -31.19 -5.73 1.52
N ARG A 19 -30.19 -6.19 0.76
CA ARG A 19 -29.80 -5.48 -0.45
C ARG A 19 -30.96 -5.43 -1.43
N LEU A 20 -31.57 -6.59 -1.71
CA LEU A 20 -32.70 -6.67 -2.63
C LEU A 20 -33.90 -5.88 -2.13
N LYS A 21 -34.12 -5.83 -0.82
CA LYS A 21 -35.24 -5.06 -0.31
C LYS A 21 -34.96 -3.56 -0.39
N GLU A 22 -33.69 -3.17 -0.37
CA GLU A 22 -33.37 -1.75 -0.47
C GLU A 22 -33.80 -1.17 -1.82
N ILE A 23 -33.58 -1.90 -2.90
CA ILE A 23 -34.00 -1.41 -4.22
C ILE A 23 -35.52 -1.41 -4.33
N ILE A 24 -36.18 -2.45 -3.80
CA ILE A 24 -37.63 -2.55 -4.00
C ILE A 24 -38.39 -1.64 -3.05
N PHE A 25 -37.95 -1.54 -1.79
CA PHE A 25 -38.65 -0.72 -0.79
C PHE A 25 -38.28 0.77 -0.90
N ARG A 26 -37.10 1.07 -1.46
CA ARG A 26 -36.55 2.42 -1.61
C ARG A 26 -36.13 3.05 -0.27
N LYS A 27 -36.04 2.26 0.79
CA LYS A 27 -35.60 2.72 2.11
C LYS A 27 -34.43 1.85 2.57
N PRO A 28 -33.47 2.43 3.28
CA PRO A 28 -32.28 1.64 3.67
C PRO A 28 -32.63 0.44 4.53
N PHE A 29 -31.98 -0.68 4.22
CA PHE A 29 -31.99 -1.89 5.05
C PHE A 29 -30.56 -2.26 5.46
N HIS A 30 -29.71 -1.26 5.58
CA HIS A 30 -28.31 -1.48 5.91
C HIS A 30 -27.96 -0.73 7.17
N GLU A 31 -26.86 -1.15 7.79
CA GLU A 31 -26.26 -0.41 8.90
C GLU A 31 -25.03 0.31 8.39
N GLU A 32 -24.89 1.58 8.75
CA GLU A 32 -23.70 2.35 8.41
C GLU A 32 -22.62 2.05 9.44
N LEU A 33 -21.59 1.33 9.03
CA LEU A 33 -20.49 0.95 9.92
C LEU A 33 -19.22 1.71 9.55
N TRP A 34 -18.50 2.14 10.57
CA TRP A 34 -17.39 3.08 10.41
C TRP A 34 -16.07 2.34 10.54
N VAL A 35 -15.39 2.13 9.41
CA VAL A 35 -14.08 1.48 9.46
C VAL A 35 -13.01 2.45 9.96
N LEU A 36 -13.18 3.76 9.72
CA LEU A 36 -12.25 4.78 10.19
C LEU A 36 -13.03 5.84 10.95
N LYS A 37 -12.54 6.22 12.13
CA LYS A 37 -13.19 7.19 13.00
C LYS A 37 -12.18 8.26 13.46
N GLY A 38 -12.17 9.42 12.80
CA GLY A 38 -11.33 10.52 13.24
C GLY A 38 -9.84 10.24 13.24
N ILE A 39 -9.33 9.73 12.12
CA ILE A 39 -7.89 9.53 11.95
C ILE A 39 -7.19 10.88 11.80
N ASN A 40 -6.19 11.14 12.65
CA ASN A 40 -5.26 12.24 12.41
C ASN A 40 -3.85 11.65 12.31
N LEU A 41 -3.19 11.91 11.19
CA LEU A 41 -1.95 11.22 10.90
C LEU A 41 -1.17 12.04 9.89
N GLU A 42 0.13 12.16 10.13
CA GLU A 42 1.06 12.75 9.19
C GLU A 42 2.17 11.76 8.88
N ILE A 43 2.50 11.63 7.60
CA ILE A 43 3.65 10.87 7.16
C ILE A 43 4.61 11.88 6.56
N GLU A 44 5.75 12.10 7.20
CA GLU A 44 6.63 13.17 6.78
C GLU A 44 7.69 12.60 5.85
N LYS A 45 8.22 13.48 5.00
CA LYS A 45 9.28 13.09 4.07
C LYS A 45 10.43 12.46 4.83
N GLY A 46 11.00 11.38 4.28
CA GLY A 46 12.19 10.82 4.88
C GLY A 46 11.97 9.86 6.04
N GLU A 47 10.75 9.57 6.44
CA GLU A 47 10.56 8.66 7.56
C GLU A 47 9.98 7.32 7.10
N VAL A 48 10.26 6.27 7.88
CA VAL A 48 9.58 4.98 7.75
C VAL A 48 8.56 4.89 8.88
N LEU A 49 7.26 4.86 8.52
CA LEU A 49 6.18 4.76 9.48
C LEU A 49 5.66 3.32 9.51
N GLY A 50 5.72 2.70 10.69
CA GLY A 50 5.11 1.39 10.86
C GLY A 50 3.64 1.52 11.24
N ILE A 51 2.81 0.64 10.66
CA ILE A 51 1.39 0.60 11.02
C ILE A 51 1.06 -0.84 11.45
N VAL A 52 0.60 -0.99 12.69
CA VAL A 52 0.29 -2.31 13.24
C VAL A 52 -1.11 -2.28 13.84
N GLY A 53 -1.68 -3.48 14.01
CA GLY A 53 -2.96 -3.64 14.63
C GLY A 53 -3.68 -4.91 14.13
N PRO A 54 -4.78 -5.28 14.82
CA PRO A 54 -5.52 -6.51 14.45
C PRO A 54 -6.22 -6.44 13.10
N ASN A 55 -6.81 -7.56 12.70
CA ASN A 55 -7.24 -7.75 11.31
C ASN A 55 -8.34 -6.79 10.91
N GLY A 56 -9.35 -6.59 11.75
CA GLY A 56 -10.39 -5.63 11.40
C GLY A 56 -10.15 -4.21 11.91
N ALA A 57 -8.89 -3.83 12.11
CA ALA A 57 -8.62 -2.51 12.68
C ALA A 57 -8.93 -1.38 11.69
N GLY A 58 -8.96 -1.67 10.39
CA GLY A 58 -9.12 -0.67 9.36
C GLY A 58 -7.83 -0.29 8.63
N LYS A 59 -6.74 -1.04 8.83
CA LYS A 59 -5.45 -0.69 8.22
C LYS A 59 -5.60 -0.53 6.71
N SER A 60 -6.21 -1.50 6.02
CA SER A 60 -6.22 -1.44 4.57
C SER A 60 -7.12 -0.32 4.06
N THR A 61 -8.21 -0.01 4.76
CA THR A 61 -8.96 1.18 4.39
C THR A 61 -8.13 2.45 4.63
N LEU A 62 -7.33 2.49 5.69
CA LEU A 62 -6.45 3.65 5.88
C LEU A 62 -5.45 3.78 4.75
N LEU A 63 -4.92 2.64 4.26
CA LEU A 63 -3.97 2.67 3.17
C LEU A 63 -4.61 3.19 1.89
N LYS A 64 -5.89 2.88 1.69
CA LYS A 64 -6.57 3.32 0.47
C LYS A 64 -7.01 4.77 0.55
N VAL A 65 -7.31 5.27 1.75
CA VAL A 65 -7.53 6.70 1.91
C VAL A 65 -6.23 7.46 1.69
N ILE A 66 -5.11 6.91 2.18
CA ILE A 66 -3.83 7.57 2.00
C ILE A 66 -3.46 7.63 0.52
N THR A 67 -3.66 6.53 -0.19
CA THR A 67 -3.34 6.52 -1.61
C THR A 67 -4.38 7.28 -2.44
N GLY A 68 -5.57 7.53 -1.90
CA GLY A 68 -6.60 8.16 -2.69
C GLY A 68 -7.47 7.22 -3.51
N VAL A 69 -7.24 5.91 -3.45
CA VAL A 69 -8.17 4.96 -4.07
C VAL A 69 -9.58 5.15 -3.50
N THR A 70 -9.68 5.60 -2.25
CA THR A 70 -10.95 5.81 -1.59
C THR A 70 -10.99 7.22 -1.01
N GLU A 71 -12.19 7.81 -1.01
CA GLU A 71 -12.37 9.14 -0.44
C GLU A 71 -13.01 9.07 0.94
N PRO A 72 -12.54 9.90 1.86
CA PRO A 72 -13.14 9.94 3.20
C PRO A 72 -14.56 10.47 3.18
N ASP A 73 -15.36 10.03 4.16
CA ASP A 73 -16.72 10.56 4.32
C ASP A 73 -16.72 11.85 5.14
N LYS A 74 -15.79 11.99 6.06
CA LYS A 74 -15.53 13.24 6.76
C LYS A 74 -14.03 13.49 6.74
N GLY A 75 -13.63 14.75 6.95
CA GLY A 75 -12.22 15.08 6.97
C GLY A 75 -11.60 15.07 5.58
N PHE A 76 -10.27 15.12 5.55
CA PHE A 76 -9.60 15.20 4.26
C PHE A 76 -8.19 14.67 4.37
N VAL A 77 -7.62 14.39 3.21
CA VAL A 77 -6.25 13.93 3.10
C VAL A 77 -5.59 14.77 2.03
N GLU A 78 -4.35 15.18 2.28
CA GLU A 78 -3.58 15.92 1.30
C GLU A 78 -2.19 15.32 1.21
N ARG A 79 -1.65 15.31 0.00
CA ARG A 79 -0.38 14.65 -0.27
C ARG A 79 0.39 15.46 -1.30
N SER A 80 1.71 15.49 -1.13
CA SER A 80 2.55 16.25 -2.03
C SER A 80 2.83 15.52 -3.34
N GLY A 81 2.58 14.21 -3.39
CA GLY A 81 2.97 13.41 -4.52
C GLY A 81 2.30 12.06 -4.49
N LYS A 82 2.69 11.21 -5.45
CA LYS A 82 2.02 9.92 -5.62
C LYS A 82 2.40 8.96 -4.50
N VAL A 83 1.45 8.09 -4.13
CA VAL A 83 1.68 6.97 -3.24
C VAL A 83 1.51 5.70 -4.04
N VAL A 84 2.45 4.76 -3.86
CA VAL A 84 2.44 3.49 -4.57
C VAL A 84 2.40 2.36 -3.56
N GLY A 85 1.44 1.45 -3.73
CA GLY A 85 1.40 0.26 -2.91
C GLY A 85 0.86 -0.98 -3.63
N LEU A 86 0.54 -2.02 -2.86
CA LEU A 86 0.01 -3.27 -3.38
C LEU A 86 -0.96 -3.07 -4.54
N LEU A 87 -2.00 -2.26 -4.32
CA LEU A 87 -3.08 -2.13 -5.28
C LEU A 87 -2.68 -1.46 -6.57
N GLU A 88 -1.50 -0.83 -6.62
CA GLU A 88 -1.02 -0.28 -7.88
C GLU A 88 -0.14 -1.27 -8.65
N LEU A 89 0.30 -2.35 -8.01
CA LEU A 89 1.25 -3.26 -8.65
C LEU A 89 0.61 -3.91 -9.87
N GLY A 90 1.26 -3.74 -11.01
CA GLY A 90 0.81 -4.33 -12.25
C GLY A 90 -0.45 -3.72 -12.83
N THR A 91 -0.86 -2.53 -12.37
CA THR A 91 -2.06 -1.93 -12.94
C THR A 91 -1.88 -1.74 -14.44
N GLY A 92 -2.90 -2.11 -15.22
CA GLY A 92 -2.83 -2.01 -16.66
C GLY A 92 -2.10 -3.15 -17.36
N PHE A 93 -1.53 -4.11 -16.61
CA PHE A 93 -0.84 -5.22 -17.24
C PHE A 93 -1.77 -5.95 -18.19
N ASN A 94 -1.29 -6.20 -19.41
CA ASN A 94 -2.03 -6.92 -20.44
C ASN A 94 -1.23 -8.14 -20.85
N TYR A 95 -1.83 -9.32 -20.70
CA TYR A 95 -1.10 -10.57 -20.87
C TYR A 95 -0.86 -10.92 -22.32
N GLU A 96 -1.56 -10.25 -23.24
CA GLU A 96 -1.19 -10.36 -24.64
C GLU A 96 0.05 -9.55 -24.99
N LEU A 97 0.45 -8.60 -24.13
CA LEU A 97 1.55 -7.71 -24.48
C LEU A 97 2.85 -8.18 -23.84
N SER A 98 3.96 -7.84 -24.49
CA SER A 98 5.27 -8.21 -23.99
C SER A 98 5.55 -7.48 -22.68
N GLY A 99 6.54 -7.99 -21.94
CA GLY A 99 6.93 -7.29 -20.72
C GLY A 99 7.47 -5.91 -21.01
N LEU A 100 8.04 -5.71 -22.19
CA LEU A 100 8.54 -4.39 -22.56
C LEU A 100 7.39 -3.40 -22.72
N GLU A 101 6.35 -3.81 -23.44
CA GLU A 101 5.17 -2.97 -23.60
C GLU A 101 4.47 -2.76 -22.27
N ASN A 102 4.44 -3.78 -21.41
CA ASN A 102 3.77 -3.59 -20.12
C ASN A 102 4.56 -2.66 -19.19
N ILE A 103 5.88 -2.57 -19.35
CA ILE A 103 6.62 -1.54 -18.61
C ILE A 103 6.05 -0.17 -18.94
N TYR A 104 5.92 0.13 -20.23
CA TYR A 104 5.43 1.43 -20.66
C TYR A 104 3.99 1.66 -20.20
N VAL A 105 3.12 0.66 -20.31
CA VAL A 105 1.73 0.84 -19.87
C VAL A 105 1.68 1.08 -18.36
N ASN A 106 2.30 0.20 -17.57
CA ASN A 106 2.21 0.29 -16.12
C ASN A 106 2.93 1.52 -15.57
N ALA A 107 4.16 1.76 -16.03
CA ALA A 107 4.90 2.92 -15.54
C ALA A 107 4.14 4.21 -15.81
N SER A 108 3.48 4.30 -16.97
CA SER A 108 2.77 5.51 -17.33
C SER A 108 1.59 5.74 -16.40
N LEU A 109 0.83 4.68 -16.09
CA LEU A 109 -0.26 4.80 -15.13
C LEU A 109 0.24 5.11 -13.73
N LEU A 110 1.47 4.71 -13.40
CA LEU A 110 1.99 5.01 -12.08
C LEU A 110 2.70 6.37 -12.05
N GLY A 111 2.63 7.14 -13.15
CA GLY A 111 2.98 8.55 -13.11
C GLY A 111 4.16 8.96 -13.96
N LEU A 112 5.00 8.05 -14.44
CA LEU A 112 6.19 8.49 -15.18
C LEU A 112 5.82 9.03 -16.56
N SER A 113 6.64 9.97 -17.05
CA SER A 113 6.47 10.46 -18.41
C SER A 113 7.18 9.53 -19.38
N ARG A 114 6.86 9.69 -20.67
CA ARG A 114 7.46 8.84 -21.69
C ARG A 114 8.98 8.94 -21.66
N ARG A 115 9.50 10.16 -21.49
CA ARG A 115 10.94 10.38 -21.42
C ARG A 115 11.54 9.71 -20.20
N GLU A 116 10.85 9.78 -19.06
CA GLU A 116 11.33 9.13 -17.85
C GLU A 116 11.39 7.61 -18.00
N ILE A 117 10.41 7.01 -18.68
CA ILE A 117 10.46 5.55 -18.86
C ILE A 117 11.59 5.19 -19.80
N ASP A 118 11.79 6.00 -20.86
CA ASP A 118 12.93 5.80 -21.75
C ASP A 118 14.24 5.86 -20.98
N GLU A 119 14.31 6.79 -20.03
CA GLU A 119 15.52 6.98 -19.24
C GLU A 119 15.76 5.80 -18.32
N LYS A 120 14.69 5.18 -17.81
CA LYS A 120 14.81 4.15 -16.80
C LYS A 120 14.67 2.74 -17.36
N LEU A 121 14.45 2.59 -18.67
CA LEU A 121 13.98 1.32 -19.20
C LEU A 121 14.96 0.20 -18.91
N GLU A 122 16.23 0.41 -19.24
CA GLU A 122 17.23 -0.64 -19.02
C GLU A 122 17.41 -0.95 -17.54
N SER A 123 17.36 0.06 -16.68
CA SER A 123 17.43 -0.17 -15.24
C SER A 123 16.31 -1.10 -14.78
N ILE A 124 15.09 -0.89 -15.28
CA ILE A 124 13.96 -1.70 -14.85
C ILE A 124 14.14 -3.13 -15.34
N ILE A 125 14.65 -3.29 -16.55
CA ILE A 125 14.89 -4.61 -17.13
C ILE A 125 15.96 -5.35 -16.33
N GLU A 126 17.14 -4.73 -16.19
CA GLU A 126 18.22 -5.36 -15.45
C GLU A 126 17.80 -5.71 -14.03
N PHE A 127 17.13 -4.78 -13.34
CA PHE A 127 16.62 -5.05 -11.99
C PHE A 127 15.72 -6.29 -11.95
N SER A 128 14.90 -6.48 -12.99
CA SER A 128 13.94 -7.59 -13.03
C SER A 128 14.59 -8.96 -13.29
N GLU A 129 15.78 -9.00 -13.88
CA GLU A 129 16.45 -10.22 -14.31
C GLU A 129 15.70 -10.97 -15.40
N LEU A 130 14.69 -10.33 -16.01
CA LEU A 130 13.88 -10.96 -17.05
C LEU A 130 14.42 -10.73 -18.46
N ASP A 131 15.65 -10.22 -18.60
CA ASP A 131 16.15 -9.71 -19.88
C ASP A 131 15.88 -10.67 -21.04
N ASP A 132 16.02 -11.97 -20.80
CA ASP A 132 15.81 -12.94 -21.89
C ASP A 132 14.34 -13.06 -22.30
N PHE A 133 13.40 -12.63 -21.46
CA PHE A 133 11.98 -12.81 -21.74
C PHE A 133 11.24 -11.49 -21.98
N ILE A 134 11.97 -10.36 -22.01
CA ILE A 134 11.32 -9.05 -21.96
C ILE A 134 10.48 -8.79 -23.21
N ASN A 135 10.83 -9.40 -24.35
CA ASN A 135 10.05 -9.22 -25.58
C ASN A 135 8.99 -10.30 -25.80
N LYS A 136 8.87 -11.27 -24.86
CA LYS A 136 7.85 -12.32 -24.94
C LYS A 136 6.60 -11.87 -24.20
N PRO A 137 5.42 -12.30 -24.63
CA PRO A 137 4.18 -11.84 -23.97
C PRO A 137 4.02 -12.42 -22.56
N LEU A 138 3.38 -11.61 -21.70
CA LEU A 138 3.23 -11.98 -20.29
C LEU A 138 2.50 -13.30 -20.13
N LYS A 139 1.64 -13.66 -21.09
CA LYS A 139 0.86 -14.88 -21.00
C LYS A 139 1.75 -16.12 -20.99
N THR A 140 3.01 -15.97 -21.42
CA THR A 140 3.99 -17.05 -21.36
C THR A 140 4.83 -17.03 -20.08
N TYR A 141 4.72 -15.98 -19.26
CA TYR A 141 5.49 -15.87 -18.02
C TYR A 141 4.93 -16.79 -16.94
N SER A 142 5.81 -17.18 -16.01
CA SER A 142 5.34 -17.78 -14.77
C SER A 142 4.80 -16.70 -13.86
N SER A 143 4.09 -17.12 -12.81
CA SER A 143 3.55 -16.16 -11.88
C SER A 143 4.67 -15.37 -11.21
N GLY A 144 5.79 -16.03 -10.93
CA GLY A 144 6.90 -15.36 -10.27
C GLY A 144 7.51 -14.29 -11.16
N MET A 145 7.61 -14.58 -12.47
CA MET A 145 8.12 -13.59 -13.42
C MET A 145 7.18 -12.38 -13.53
N ILE A 146 5.86 -12.61 -13.49
CA ILE A 146 4.92 -11.49 -13.56
C ILE A 146 5.04 -10.62 -12.32
N MET A 147 5.09 -11.25 -11.14
CA MET A 147 5.27 -10.47 -9.92
C MET A 147 6.60 -9.72 -9.95
N ARG A 148 7.65 -10.36 -10.45
CA ARG A 148 8.97 -9.75 -10.52
C ARG A 148 8.94 -8.47 -11.34
N LEU A 149 8.29 -8.52 -12.51
CA LEU A 149 8.16 -7.34 -13.36
C LEU A 149 7.36 -6.23 -12.68
N ALA A 150 6.25 -6.57 -12.02
CA ALA A 150 5.43 -5.54 -11.39
C ALA A 150 6.22 -4.83 -10.29
N PHE A 151 6.94 -5.59 -9.47
CA PHE A 151 7.78 -4.98 -8.44
C PHE A 151 8.86 -4.11 -9.05
N SER A 152 9.47 -4.57 -10.14
CA SER A 152 10.61 -3.88 -10.72
C SER A 152 10.20 -2.55 -11.37
N ILE A 153 9.03 -2.51 -11.99
CA ILE A 153 8.54 -1.23 -12.53
C ILE A 153 8.18 -0.31 -11.39
N ALA A 154 7.35 -0.79 -10.46
CA ALA A 154 6.82 0.05 -9.39
C ALA A 154 7.94 0.71 -8.60
N ILE A 155 8.97 -0.06 -8.22
CA ILE A 155 10.00 0.47 -7.33
C ILE A 155 10.85 1.54 -7.99
N HIS A 156 10.68 1.75 -9.30
CA HIS A 156 11.42 2.76 -10.06
C HIS A 156 10.59 3.99 -10.40
N THR A 157 9.36 4.11 -9.89
CA THR A 157 8.47 5.18 -10.31
C THR A 157 8.58 6.43 -9.43
N GLU A 158 9.59 6.53 -8.57
CA GLU A 158 9.84 7.66 -7.69
C GLU A 158 8.56 8.33 -7.14
N PRO A 159 7.72 7.60 -6.39
CA PRO A 159 6.58 8.28 -5.75
C PRO A 159 7.08 9.09 -4.57
N GLU A 160 6.19 9.84 -3.91
CA GLU A 160 6.57 10.40 -2.62
C GLU A 160 6.65 9.31 -1.55
N CYS A 161 5.75 8.31 -1.61
CA CYS A 161 5.61 7.32 -0.57
C CYS A 161 5.37 5.93 -1.16
N PHE A 162 6.06 4.92 -0.61
CA PHE A 162 5.81 3.51 -0.90
C PHE A 162 5.10 2.89 0.30
N ILE A 163 4.03 2.15 0.03
CA ILE A 163 3.35 1.36 1.05
C ILE A 163 3.83 -0.08 0.89
N ILE A 164 4.41 -0.62 1.95
CA ILE A 164 4.90 -1.99 1.93
C ILE A 164 3.82 -2.79 2.66
N ASP A 165 2.82 -3.25 1.90
CA ASP A 165 1.67 -3.97 2.46
C ASP A 165 2.13 -5.24 3.17
N GLU A 166 1.30 -5.72 4.10
CA GLU A 166 1.64 -6.91 4.86
C GLU A 166 1.89 -8.12 3.94
N ALA A 167 1.25 -8.16 2.78
CA ALA A 167 1.44 -9.28 1.86
C ALA A 167 2.75 -9.19 1.10
N LEU A 168 3.23 -7.97 0.83
CA LEU A 168 4.46 -7.79 0.05
C LEU A 168 5.68 -8.37 0.74
N ALA A 169 5.58 -8.62 2.05
CA ALA A 169 6.75 -9.02 2.83
C ALA A 169 7.39 -10.29 2.28
N VAL A 170 6.60 -11.23 1.77
CA VAL A 170 7.17 -12.45 1.21
C VAL A 170 7.75 -12.15 -0.16
N GLY A 171 8.92 -12.71 -0.43
CA GLY A 171 9.54 -12.57 -1.72
C GLY A 171 10.68 -13.53 -1.87
N ASP A 172 11.17 -13.63 -3.10
CA ASP A 172 12.31 -14.49 -3.39
C ASP A 172 13.55 -13.95 -2.71
N ALA A 173 14.44 -14.86 -2.34
CA ALA A 173 15.68 -14.47 -1.68
C ALA A 173 16.55 -13.64 -2.62
N HIS A 174 17.30 -12.71 -2.02
CA HIS A 174 18.27 -11.86 -2.71
C HIS A 174 17.60 -10.76 -3.54
N PHE A 175 16.39 -11.01 -4.03
CA PHE A 175 15.65 -9.93 -4.68
C PHE A 175 15.17 -8.93 -3.64
N GLN A 176 14.90 -9.38 -2.42
CA GLN A 176 14.52 -8.45 -1.36
C GLN A 176 15.63 -7.44 -1.08
N GLN A 177 16.88 -7.90 -1.03
CA GLN A 177 17.99 -7.01 -0.74
C GLN A 177 18.07 -5.89 -1.78
N LYS A 178 17.92 -6.24 -3.07
CA LYS A 178 17.90 -5.23 -4.12
C LYS A 178 16.79 -4.22 -3.87
N CYS A 179 15.59 -4.70 -3.53
CA CYS A 179 14.50 -3.79 -3.21
C CYS A 179 14.80 -3.00 -1.94
N PHE A 180 15.42 -3.65 -0.96
CA PHE A 180 15.82 -2.97 0.27
C PHE A 180 16.76 -1.81 -0.03
N ARG A 181 17.72 -2.01 -0.93
CA ARG A 181 18.66 -0.94 -1.28
C ARG A 181 17.94 0.22 -1.96
N LYS A 182 17.08 -0.10 -2.94
CA LYS A 182 16.28 0.93 -3.60
C LYS A 182 15.46 1.73 -2.59
N LEU A 183 14.90 1.04 -1.59
CA LEU A 183 14.08 1.74 -0.61
C LEU A 183 14.91 2.65 0.30
N LYS A 184 16.16 2.31 0.58
CA LYS A 184 17.00 3.24 1.37
C LYS A 184 17.35 4.47 0.56
N GLU A 185 17.65 4.29 -0.73
CA GLU A 185 17.88 5.44 -1.60
C GLU A 185 16.67 6.35 -1.63
N HIS A 186 15.48 5.76 -1.86
CA HIS A 186 14.23 6.50 -1.79
C HIS A 186 14.13 7.34 -0.51
N LYS A 187 14.35 6.71 0.64
CA LYS A 187 14.32 7.42 1.91
C LYS A 187 15.37 8.54 1.96
N GLN A 188 16.54 8.30 1.39
CA GLN A 188 17.61 9.29 1.42
C GLN A 188 17.25 10.52 0.61
N LYS A 189 16.51 10.35 -0.49
CA LYS A 189 15.99 11.46 -1.27
C LYS A 189 14.71 12.05 -0.68
N GLY A 190 14.39 11.78 0.59
CA GLY A 190 13.22 12.39 1.17
C GLY A 190 11.92 11.63 0.96
N GLY A 191 11.95 10.49 0.26
CA GLY A 191 10.77 9.65 0.19
C GLY A 191 10.39 9.10 1.55
N SER A 192 9.11 8.76 1.68
CA SER A 192 8.60 8.12 2.88
C SER A 192 8.22 6.68 2.58
N ILE A 193 8.16 5.86 3.62
CA ILE A 193 7.73 4.47 3.50
C ILE A 193 6.75 4.17 4.63
N ILE A 194 5.68 3.47 4.28
CA ILE A 194 4.70 2.99 5.24
C ILE A 194 4.83 1.47 5.28
N PHE A 195 5.21 0.93 6.44
CA PHE A 195 5.47 -0.49 6.62
C PHE A 195 4.33 -1.10 7.44
N VAL A 196 3.54 -1.99 6.82
CA VAL A 196 2.43 -2.65 7.51
C VAL A 196 2.83 -4.09 7.76
N SER A 197 2.85 -4.50 9.03
CA SER A 197 3.45 -5.77 9.40
C SER A 197 2.83 -6.29 10.69
N HIS A 198 2.82 -7.62 10.83
CA HIS A 198 2.53 -8.28 12.09
C HIS A 198 3.80 -8.78 12.78
N ASP A 199 4.96 -8.46 12.21
CA ASP A 199 6.26 -8.81 12.78
C ASP A 199 6.71 -7.64 13.65
N MET A 200 6.51 -7.75 14.96
CA MET A 200 6.83 -6.64 15.87
C MET A 200 8.32 -6.36 15.92
N ASN A 201 9.15 -7.40 15.83
CA ASN A 201 10.60 -7.20 15.81
C ASN A 201 11.05 -6.50 14.54
N ALA A 202 10.44 -6.83 13.40
CA ALA A 202 10.74 -6.10 12.16
C ALA A 202 10.34 -4.64 12.28
N VAL A 203 9.22 -4.36 12.95
CA VAL A 203 8.80 -2.96 13.09
C VAL A 203 9.83 -2.16 13.86
N LYS A 204 10.33 -2.74 14.96
CA LYS A 204 11.35 -2.09 15.75
C LYS A 204 12.66 -1.94 14.97
N ILE A 205 12.94 -2.84 14.03
CA ILE A 205 14.19 -2.75 13.28
C ILE A 205 14.10 -1.70 12.19
N LEU A 206 12.98 -1.60 11.49
CA LEU A 206 12.92 -0.86 10.23
C LEU A 206 12.28 0.51 10.32
N CYS A 207 11.47 0.78 11.34
CA CYS A 207 10.65 1.98 11.31
C CYS A 207 11.22 3.04 12.24
N ASP A 208 11.04 4.31 11.84
CA ASP A 208 11.42 5.44 12.70
C ASP A 208 10.34 5.72 13.73
N ARG A 209 9.07 5.50 13.39
CA ARG A 209 7.96 5.67 14.32
C ARG A 209 6.85 4.77 13.83
N ALA A 210 5.78 4.69 14.62
CA ALA A 210 4.73 3.73 14.34
C ALA A 210 3.44 4.21 14.97
N ILE A 211 2.32 3.70 14.46
CA ILE A 211 1.03 3.87 15.08
C ILE A 211 0.41 2.49 15.28
N LEU A 212 -0.39 2.37 16.33
CA LEU A 212 -1.22 1.19 16.56
C LEU A 212 -2.67 1.54 16.24
N LEU A 213 -3.27 0.77 15.33
CA LEU A 213 -4.67 0.97 14.94
C LEU A 213 -5.53 -0.15 15.50
N HIS A 214 -6.74 0.21 15.95
CA HIS A 214 -7.67 -0.74 16.56
C HIS A 214 -9.08 -0.21 16.41
N LYS A 215 -9.96 -1.01 15.81
CA LYS A 215 -11.36 -0.64 15.59
C LYS A 215 -11.47 0.78 15.01
N GLY A 216 -10.70 1.03 13.96
CA GLY A 216 -10.81 2.27 13.22
C GLY A 216 -10.18 3.49 13.86
N GLU A 217 -9.45 3.36 14.97
CA GLU A 217 -8.84 4.51 15.61
C GLU A 217 -7.36 4.25 15.87
N ILE A 218 -6.58 5.32 15.79
CA ILE A 218 -5.22 5.27 16.30
C ILE A 218 -5.28 5.35 17.81
N ILE A 219 -4.78 4.34 18.50
CA ILE A 219 -4.80 4.34 19.96
C ILE A 219 -3.42 4.49 20.57
N GLU A 220 -2.37 4.54 19.76
CA GLU A 220 -1.03 4.75 20.27
C GLU A 220 -0.16 5.23 19.14
N GLU A 221 0.75 6.16 19.46
CA GLU A 221 1.66 6.68 18.44
C GLU A 221 2.99 7.01 19.09
N GLY A 222 4.05 6.83 18.34
CA GLY A 222 5.35 7.23 18.84
C GLY A 222 6.41 6.25 18.38
N SER A 223 7.31 5.95 19.30
CA SER A 223 8.44 5.10 18.99
C SER A 223 7.96 3.69 18.70
N PRO A 224 8.65 2.97 17.84
CA PRO A 224 8.29 1.55 17.59
C PRO A 224 8.20 0.72 18.88
N GLU A 225 9.14 0.93 19.80
CA GLU A 225 9.12 0.24 21.08
C GLU A 225 7.82 0.53 21.85
N THR A 226 7.39 1.79 21.87
CA THR A 226 6.19 2.16 22.60
C THR A 226 4.95 1.60 21.94
N VAL A 227 4.90 1.64 20.62
CA VAL A 227 3.68 1.22 19.94
C VAL A 227 3.54 -0.30 19.99
N THR A 228 4.66 -1.03 19.92
CA THR A 228 4.60 -2.49 19.99
C THR A 228 4.26 -2.97 21.40
N GLN A 229 4.76 -2.28 22.42
CA GLN A 229 4.36 -2.61 23.79
C GLN A 229 2.87 -2.36 23.99
N ALA A 230 2.36 -1.31 23.36
CA ALA A 230 0.92 -1.04 23.45
C ALA A 230 0.13 -2.10 22.69
N TYR A 231 0.70 -2.64 21.60
CA TYR A 231 0.00 -3.71 20.89
C TYR A 231 -0.07 -4.97 21.76
N TYR A 232 1.03 -5.33 22.42
CA TYR A 232 0.98 -6.47 23.31
C TYR A 232 -0.04 -6.25 24.41
N LYS A 233 -0.05 -5.06 25.00
CA LYS A 233 -1.05 -4.77 26.02
C LYS A 233 -2.46 -4.95 25.45
N LEU A 234 -2.67 -4.51 24.22
CA LEU A 234 -3.97 -4.68 23.57
C LEU A 234 -4.32 -6.15 23.40
N LYS A 235 -3.35 -6.99 23.03
CA LYS A 235 -3.68 -8.40 22.80
C LYS A 235 -3.87 -9.16 24.10
N LEU A 236 -3.52 -8.58 25.24
CA LEU A 236 -3.90 -9.17 26.52
C LEU A 236 -5.38 -8.98 26.80
N HIS A 237 -6.02 -8.01 26.16
CA HIS A 237 -7.38 -7.63 26.48
C HIS A 237 -8.31 -7.61 25.26
N HIS A 238 -7.80 -7.91 24.07
CA HIS A 238 -8.57 -7.92 22.84
C HIS A 238 -8.57 -9.36 22.32
N HIS A 239 -9.75 -9.98 22.34
CA HIS A 239 -9.89 -11.39 22.00
C HIS A 239 -9.04 -12.26 22.92
#